data_2HHC
#
_entry.id   2HHC
#
_cell.length_a   124.200
_cell.length_b   124.200
_cell.length_c   96.100
_cell.angle_alpha   90.00
_cell.angle_beta   90.00
_cell.angle_gamma   120.00
#
_symmetry.space_group_name_H-M   'P 65 2 2'
#
loop_
_entity.id
_entity.type
_entity.pdbx_description
1 polymer 'Nodulation fucosyltransferase NodZ'
2 non-polymer 'PHOSPHATE ION'
3 non-polymer 2-AMINO-2-HYDROXYMETHYL-PROPANE-1,3-DIOL
4 water water
#
_entity_poly.entity_id   1
_entity_poly.type   'polypeptide(L)'
_entity_poly.pdbx_seq_one_letter_code
;MTKERFVISRRRTGFGDCLWSLASAWSYAQRTGRTLVIDWRGSCYVEQPFSNAFPAFFEPVEDIAGVPVICDDRVNQLSF
PGPFFPRWWNRPSIDCINRPDEQIFRERDELTELFQAREDSEANTIVCDACLMWRCSEEAERLIFRNIKLRSEIRARIDA
LYEEHFSGHSIIGVHVRHGNGEDIMEHAPYWADSELALHQVCMAIRKAKALSYPKPVKVFLCTDSAQVLDQVSGLFPDVF
AVPKRFQADRAGPLHSAEMGIEGGASALIDMYLLARCATVIRFPPTSAFTRYARLLVPRIIEFDLSNPGHLTMIDNPYEH
FAASHHHHHH
;
_entity_poly.pdbx_strand_id   A
#
loop_
_chem_comp.id
_chem_comp.type
_chem_comp.name
_chem_comp.formula
PO4 non-polymer 'PHOSPHATE ION' 'O4 P -3'
TRS non-polymer 2-AMINO-2-HYDROXYMETHYL-PROPANE-1,3-DIOL 'C4 H12 N O3 1'
#
# COMPACT_ATOMS: atom_id res chain seq x y z
N THR A 2 21.06 -17.00 23.98
CA THR A 2 20.60 -15.94 23.06
C THR A 2 19.18 -16.29 22.70
N LYS A 3 18.33 -15.30 22.72
CA LYS A 3 16.89 -15.50 22.56
C LYS A 3 16.43 -14.71 21.34
N GLU A 4 15.34 -15.19 20.74
CA GLU A 4 14.85 -14.58 19.51
C GLU A 4 14.29 -13.22 19.85
N ARG A 5 14.47 -12.25 18.95
CA ARG A 5 13.97 -10.90 19.06
C ARG A 5 13.17 -10.53 17.80
N PHE A 6 12.31 -9.54 17.93
CA PHE A 6 11.24 -9.33 16.96
C PHE A 6 11.00 -7.87 16.58
N VAL A 7 10.45 -7.69 15.39
CA VAL A 7 9.78 -6.45 14.96
C VAL A 7 8.40 -6.83 14.51
N ILE A 8 7.35 -6.25 15.08
CA ILE A 8 5.99 -6.54 14.67
C ILE A 8 5.50 -5.41 13.82
N SER A 9 5.05 -5.69 12.60
CA SER A 9 4.46 -4.74 11.70
C SER A 9 2.95 -4.85 11.76
N ARG A 10 2.31 -3.86 12.40
CA ARG A 10 0.87 -3.80 12.55
C ARG A 10 0.34 -2.69 11.66
N ARG A 11 -0.61 -2.98 10.80
CA ARG A 11 -1.25 -1.95 9.99
C ARG A 11 -2.55 -2.54 9.48
N ARG A 12 -3.56 -1.71 9.42
CA ARG A 12 -4.95 -2.10 9.21
C ARG A 12 -5.69 -1.23 8.19
N THR A 13 -4.93 -0.43 7.46
CA THR A 13 -5.50 0.54 6.56
C THR A 13 -5.39 0.06 5.12
N GLY A 14 -5.31 0.94 4.15
CA GLY A 14 -5.21 0.45 2.78
C GLY A 14 -3.92 -0.24 2.52
N PHE A 15 -3.88 -1.10 1.51
CA PHE A 15 -2.72 -1.94 1.30
C PHE A 15 -1.45 -1.14 0.96
N GLY A 16 -1.59 0.02 0.31
CA GLY A 16 -0.37 0.80 0.02
C GLY A 16 0.38 1.18 1.29
N ASP A 17 -0.38 1.67 2.24
CA ASP A 17 0.19 2.04 3.56
C ASP A 17 0.71 0.80 4.26
N CYS A 18 -0.10 -0.24 4.31
CA CYS A 18 0.35 -1.47 4.97
C CYS A 18 1.68 -1.96 4.40
N LEU A 19 1.80 -2.04 3.07
CA LEU A 19 2.97 -2.59 2.44
C LEU A 19 4.21 -1.66 2.52
N TRP A 20 4.01 -0.34 2.50
CA TRP A 20 5.12 0.61 2.69
C TRP A 20 5.59 0.52 4.16
N SER A 21 4.63 0.53 5.11
CA SER A 21 4.95 0.38 6.52
C SER A 21 5.64 -0.94 6.82
N LEU A 22 5.23 -1.97 6.11
CA LEU A 22 5.92 -3.29 6.21
C LEU A 22 7.36 -3.20 5.80
N ALA A 23 7.64 -2.52 4.68
CA ALA A 23 9.02 -2.34 4.20
C ALA A 23 9.89 -1.66 5.30
N SER A 24 9.32 -0.70 5.99
CA SER A 24 10.06 -0.04 7.09
C SER A 24 10.39 -0.99 8.24
N ALA A 25 9.40 -1.74 8.65
CA ALA A 25 9.60 -2.75 9.72
C ALA A 25 10.65 -3.78 9.26
N TRP A 26 10.54 -4.24 8.03
CA TRP A 26 11.46 -5.24 7.46
C TRP A 26 12.90 -4.70 7.53
N SER A 27 13.08 -3.44 7.16
CA SER A 27 14.39 -2.87 7.07
C SER A 27 15.05 -2.85 8.47
N TYR A 28 14.28 -2.51 9.49
CA TYR A 28 14.83 -2.50 10.85
C TYR A 28 15.12 -3.92 11.34
N ALA A 29 14.25 -4.86 11.01
CA ALA A 29 14.50 -6.29 11.34
C ALA A 29 15.78 -6.79 10.69
N GLN A 30 16.02 -6.40 9.45
CA GLN A 30 17.22 -6.82 8.75
C GLN A 30 18.45 -6.24 9.42
N ARG A 31 18.38 -4.95 9.74
CA ARG A 31 19.56 -4.23 10.24
C ARG A 31 19.96 -4.82 11.59
N THR A 32 18.95 -5.23 12.38
CA THR A 32 19.20 -5.58 13.77
C THR A 32 19.10 -7.07 14.13
N GLY A 33 18.89 -7.94 13.14
CA GLY A 33 18.88 -9.38 13.37
C GLY A 33 17.65 -9.82 14.12
N ARG A 34 16.51 -9.29 13.73
CA ARG A 34 15.23 -9.65 14.36
C ARG A 34 14.35 -10.40 13.39
N THR A 35 13.39 -11.13 13.96
CA THR A 35 12.36 -11.79 13.19
C THR A 35 11.25 -10.79 12.94
N LEU A 36 10.72 -10.76 11.70
CA LEU A 36 9.60 -9.91 11.32
C LEU A 36 8.26 -10.61 11.41
N VAL A 37 7.36 -10.00 12.14
CA VAL A 37 6.02 -10.51 12.32
C VAL A 37 5.06 -9.57 11.57
N ILE A 38 4.29 -10.10 10.63
CA ILE A 38 3.30 -9.34 9.86
C ILE A 38 1.97 -9.54 10.57
N ASP A 39 1.49 -8.49 11.21
CA ASP A 39 0.28 -8.58 12.07
C ASP A 39 -0.80 -7.67 11.52
N TRP A 40 -1.61 -8.23 10.63
CA TRP A 40 -2.71 -7.52 10.00
C TRP A 40 -4.06 -7.90 10.62
N ARG A 41 -4.05 -8.29 11.89
CA ARG A 41 -5.31 -8.42 12.66
C ARG A 41 -6.02 -7.09 12.72
N GLY A 42 -7.31 -7.12 12.48
CA GLY A 42 -8.14 -5.88 12.52
C GLY A 42 -8.12 -5.05 11.24
N SER A 43 -7.61 -5.63 10.16
CA SER A 43 -7.68 -5.02 8.84
C SER A 43 -9.08 -4.54 8.51
N CYS A 44 -9.14 -3.39 7.82
CA CYS A 44 -10.39 -2.86 7.29
C CYS A 44 -11.10 -3.80 6.34
N TYR A 45 -10.37 -4.79 5.82
CA TYR A 45 -10.98 -5.70 4.84
C TYR A 45 -11.45 -7.00 5.44
N VAL A 46 -11.13 -7.28 6.68
CA VAL A 46 -11.49 -8.57 7.28
C VAL A 46 -12.45 -8.32 8.46
N GLU A 47 -13.62 -8.94 8.41
CA GLU A 47 -14.68 -8.74 9.41
C GLU A 47 -14.28 -9.28 10.79
N GLN A 48 -13.59 -10.40 10.81
CA GLN A 48 -13.25 -11.08 12.06
C GLN A 48 -12.03 -10.38 12.69
N PRO A 49 -12.17 -9.78 13.91
CA PRO A 49 -11.12 -8.88 14.37
C PRO A 49 -9.79 -9.50 14.79
N PHE A 50 -9.77 -10.81 15.03
CA PHE A 50 -8.55 -11.46 15.48
C PHE A 50 -7.88 -12.32 14.41
N SER A 51 -8.44 -12.33 13.21
CA SER A 51 -7.87 -13.08 12.11
C SER A 51 -6.77 -12.25 11.47
N ASN A 52 -5.58 -12.84 11.25
CA ASN A 52 -4.53 -12.09 10.60
C ASN A 52 -4.84 -12.00 9.11
N ALA A 53 -5.06 -10.81 8.60
CA ALA A 53 -5.50 -10.64 7.21
C ALA A 53 -4.44 -10.98 6.20
N PHE A 54 -3.17 -10.98 6.57
CA PHE A 54 -2.13 -11.17 5.54
C PHE A 54 -2.39 -12.43 4.67
N PRO A 55 -2.60 -13.64 5.25
CA PRO A 55 -2.86 -14.82 4.43
C PRO A 55 -4.15 -14.86 3.63
N ALA A 56 -5.05 -13.93 3.91
CA ALA A 56 -6.25 -13.83 3.13
C ALA A 56 -5.97 -13.27 1.72
N PHE A 57 -4.85 -12.54 1.58
CA PHE A 57 -4.52 -11.90 0.32
C PHE A 57 -3.21 -12.34 -0.31
N PHE A 58 -2.29 -12.78 0.55
CA PHE A 58 -0.92 -13.16 0.09
C PHE A 58 -0.64 -14.60 0.49
N GLU A 59 0.26 -15.21 -0.25
CA GLU A 59 0.74 -16.56 0.06
C GLU A 59 1.64 -16.59 1.27
N PRO A 60 1.69 -17.74 1.97
CA PRO A 60 2.60 -17.85 3.13
C PRO A 60 3.99 -17.47 2.79
N VAL A 61 4.64 -16.72 3.67
CA VAL A 61 6.05 -16.36 3.48
C VAL A 61 6.77 -16.59 4.83
N GLU A 62 7.90 -17.29 4.78
CA GLU A 62 8.69 -17.55 6.01
C GLU A 62 10.03 -16.81 6.03
N ASP A 63 10.39 -16.18 4.92
CA ASP A 63 11.63 -15.42 4.79
C ASP A 63 11.48 -14.37 3.75
N ILE A 64 11.93 -13.14 4.03
CA ILE A 64 12.02 -12.07 3.02
C ILE A 64 13.44 -11.60 3.01
N ALA A 65 14.14 -11.98 1.94
CA ALA A 65 15.50 -11.54 1.76
C ALA A 65 16.41 -11.71 2.99
N GLY A 66 16.32 -12.90 3.58
CA GLY A 66 17.17 -13.25 4.74
C GLY A 66 16.62 -13.03 6.12
N VAL A 67 15.48 -12.35 6.17
CA VAL A 67 14.83 -12.02 7.44
C VAL A 67 13.73 -13.06 7.64
N PRO A 68 13.77 -13.79 8.76
CA PRO A 68 12.68 -14.73 9.05
C PRO A 68 11.37 -13.99 9.26
N VAL A 69 10.25 -14.58 8.84
CA VAL A 69 8.93 -13.95 8.89
C VAL A 69 7.90 -14.88 9.48
N ILE A 70 7.08 -14.32 10.36
CA ILE A 70 5.84 -14.93 10.87
C ILE A 70 4.70 -14.09 10.34
N CYS A 71 3.82 -14.68 9.53
CA CYS A 71 2.79 -13.92 8.83
C CYS A 71 1.35 -14.42 9.01
N ASP A 72 1.09 -15.25 10.01
CA ASP A 72 -0.13 -15.97 10.05
C ASP A 72 -0.80 -16.00 11.41
N ASP A 73 -1.66 -16.96 11.70
CA ASP A 73 -2.38 -16.94 12.97
C ASP A 73 -1.54 -17.28 14.19
N ARG A 74 -0.26 -17.61 14.01
CA ARG A 74 0.63 -17.77 15.16
C ARG A 74 0.71 -16.47 15.98
N VAL A 75 0.37 -15.32 15.41
CA VAL A 75 0.28 -14.09 16.23
C VAL A 75 -0.70 -14.25 17.43
N ASN A 76 -1.67 -15.14 17.31
CA ASN A 76 -2.64 -15.40 18.37
C ASN A 76 -2.20 -16.49 19.34
N GLN A 77 -1.05 -17.13 19.09
CA GLN A 77 -0.53 -18.15 19.99
C GLN A 77 0.76 -17.74 20.72
N LEU A 78 1.64 -17.08 20.01
CA LEU A 78 2.97 -16.72 20.50
C LEU A 78 2.90 -15.51 21.42
N SER A 79 3.75 -15.50 22.43
CA SER A 79 3.93 -14.40 23.35
C SER A 79 5.24 -13.71 23.01
N PHE A 80 5.16 -12.59 22.29
CA PHE A 80 6.37 -11.92 21.87
C PHE A 80 6.98 -11.22 23.09
N PRO A 81 8.29 -11.39 23.33
CA PRO A 81 8.93 -11.00 24.56
C PRO A 81 9.19 -9.51 24.77
N GLY A 82 8.98 -9.07 26.00
CA GLY A 82 9.39 -7.76 26.40
C GLY A 82 10.85 -7.78 26.80
N PRO A 83 11.38 -6.61 27.15
CA PRO A 83 10.66 -5.34 27.10
C PRO A 83 10.34 -4.91 25.70
N PHE A 84 9.42 -3.95 25.60
CA PHE A 84 8.93 -3.46 24.32
C PHE A 84 9.39 -2.03 24.04
N PHE A 85 9.44 -1.71 22.75
CA PHE A 85 9.60 -0.35 22.25
C PHE A 85 8.56 -0.20 21.12
N PRO A 86 7.87 0.94 21.01
CA PRO A 86 7.94 2.10 21.91
C PRO A 86 7.52 1.77 23.35
N ARG A 87 7.90 2.64 24.27
CA ARG A 87 7.75 2.35 25.71
C ARG A 87 6.30 2.16 26.13
N TRP A 88 5.39 2.79 25.40
CA TRP A 88 3.93 2.63 25.67
C TRP A 88 3.50 1.19 25.76
N TRP A 89 4.14 0.31 25.00
CA TRP A 89 3.79 -1.08 24.91
C TRP A 89 4.19 -1.87 26.15
N ASN A 90 4.91 -1.24 27.07
CA ASN A 90 5.19 -1.89 28.37
C ASN A 90 4.09 -1.64 29.42
N ARG A 91 3.15 -0.76 29.10
CA ARG A 91 2.05 -0.41 30.03
C ARG A 91 1.14 -1.60 30.23
N PRO A 92 0.50 -1.68 31.40
CA PRO A 92 -0.52 -2.71 31.59
C PRO A 92 -1.62 -2.63 30.55
N SER A 93 -2.21 -3.78 30.21
CA SER A 93 -3.23 -3.81 29.16
C SER A 93 -4.43 -2.90 29.42
N ILE A 94 -4.85 -2.76 30.67
CA ILE A 94 -5.95 -1.83 30.98
C ILE A 94 -5.57 -0.37 30.61
N ASP A 95 -4.28 -0.05 30.69
CA ASP A 95 -3.82 1.28 30.36
C ASP A 95 -3.62 1.49 28.89
N CYS A 96 -3.80 0.44 28.09
CA CYS A 96 -3.57 0.50 26.65
C CYS A 96 -4.89 0.53 25.86
N ILE A 97 -6.01 0.52 26.58
CA ILE A 97 -7.34 0.67 25.95
C ILE A 97 -7.39 2.01 25.21
N ASN A 98 -6.93 3.08 25.85
CA ASN A 98 -6.90 4.41 25.24
C ASN A 98 -5.69 4.54 24.31
N ARG A 99 -5.92 4.59 23.02
CA ARG A 99 -4.83 4.72 22.04
C ARG A 99 -5.18 5.79 21.00
N PRO A 100 -5.13 7.07 21.42
CA PRO A 100 -5.52 8.18 20.58
C PRO A 100 -4.47 8.47 19.51
N ASP A 101 -4.88 9.27 18.53
CA ASP A 101 -4.02 9.58 17.40
C ASP A 101 -2.74 10.26 17.87
N GLU A 102 -2.80 11.08 18.91
CA GLU A 102 -1.60 11.76 19.42
C GLU A 102 -0.55 10.72 19.84
N GLN A 103 -0.97 9.61 20.43
CA GLN A 103 -0.05 8.57 20.85
C GLN A 103 0.51 7.82 19.63
N ILE A 104 -0.32 7.51 18.66
CA ILE A 104 0.12 6.83 17.47
C ILE A 104 1.18 7.68 16.75
N PHE A 105 0.91 8.97 16.67
CA PHE A 105 1.87 9.92 16.03
C PHE A 105 3.20 10.04 16.79
N ARG A 106 3.12 10.07 18.10
CA ARG A 106 4.31 10.02 18.94
C ARG A 106 5.12 8.76 18.63
N GLU A 107 4.45 7.62 18.47
CA GLU A 107 5.19 6.42 18.19
C GLU A 107 5.80 6.41 16.81
N ARG A 108 5.13 6.95 15.80
CA ARG A 108 5.76 7.14 14.50
C ARG A 108 7.09 7.87 14.67
N ASP A 109 7.05 8.94 15.46
CA ASP A 109 8.24 9.76 15.63
C ASP A 109 9.33 9.04 16.42
N GLU A 110 8.92 8.30 17.44
CA GLU A 110 9.84 7.52 18.26
C GLU A 110 10.50 6.44 17.42
N LEU A 111 9.73 5.78 16.58
CA LEU A 111 10.28 4.74 15.70
C LEU A 111 11.24 5.33 14.66
N THR A 112 10.88 6.50 14.14
CA THR A 112 11.69 7.19 13.14
C THR A 112 13.07 7.49 13.72
N GLU A 113 13.09 8.03 14.93
CA GLU A 113 14.35 8.32 15.64
C GLU A 113 15.11 7.00 15.87
N LEU A 114 14.42 5.95 16.29
CA LEU A 114 15.10 4.69 16.52
C LEU A 114 15.75 4.16 15.26
N PHE A 115 15.01 4.23 14.14
CA PHE A 115 15.51 3.69 12.88
C PHE A 115 16.71 4.47 12.37
N GLN A 116 16.86 5.73 12.80
CA GLN A 116 18.01 6.55 12.40
C GLN A 116 19.18 6.46 13.39
N ALA A 117 18.97 5.83 14.53
CA ALA A 117 19.99 5.81 15.61
C ALA A 117 21.08 4.77 15.29
N ARG A 118 22.28 4.97 15.82
CA ARG A 118 23.39 4.05 15.58
C ARG A 118 23.16 2.69 16.24
N GLU A 119 22.65 2.73 17.45
CA GLU A 119 22.57 1.56 18.31
C GLU A 119 21.18 0.92 18.22
N ASP A 120 21.16 -0.41 18.16
CA ASP A 120 19.92 -1.19 18.27
C ASP A 120 19.24 -0.91 19.60
N SER A 121 17.91 -0.92 19.59
CA SER A 121 17.17 -0.86 20.82
C SER A 121 17.49 -2.08 21.70
N GLU A 122 17.53 -1.88 23.01
CA GLU A 122 17.58 -3.02 23.94
C GLU A 122 16.27 -3.79 24.05
N ALA A 123 15.14 -3.23 23.62
CA ALA A 123 13.88 -3.95 23.64
C ALA A 123 13.94 -5.22 22.83
N ASN A 124 13.32 -6.26 23.36
CA ASN A 124 13.31 -7.55 22.67
C ASN A 124 12.28 -7.61 21.54
N THR A 125 11.22 -6.81 21.65
CA THR A 125 10.19 -6.70 20.60
C THR A 125 9.92 -5.24 20.30
N ILE A 126 10.07 -4.86 19.03
CA ILE A 126 9.69 -3.52 18.53
C ILE A 126 8.28 -3.65 18.00
N VAL A 127 7.34 -2.85 18.50
CA VAL A 127 5.97 -2.93 18.00
C VAL A 127 5.73 -1.72 17.13
N CYS A 128 5.54 -1.94 15.84
CA CYS A 128 5.27 -0.90 14.88
C CYS A 128 3.77 -0.79 14.61
N ASP A 129 3.12 0.22 15.16
CA ASP A 129 1.67 0.34 15.08
C ASP A 129 1.27 1.82 14.81
N ALA A 130 1.91 2.35 13.77
CA ALA A 130 1.73 3.67 13.26
C ALA A 130 2.12 3.66 11.77
N CYS A 131 1.89 4.76 11.10
CA CYS A 131 2.23 4.88 9.70
C CYS A 131 3.74 5.03 9.55
N LEU A 132 4.35 4.14 8.79
CA LEU A 132 5.79 4.17 8.55
C LEU A 132 6.10 4.42 7.07
N MET A 133 5.16 5.01 6.37
CA MET A 133 5.44 5.53 5.04
C MET A 133 6.58 6.48 5.14
N TRP A 134 7.50 6.38 4.15
CA TRP A 134 8.70 7.22 4.00
C TRP A 134 9.81 6.90 5.01
N ARG A 135 9.66 5.86 5.80
CA ARG A 135 10.67 5.60 6.86
C ARG A 135 11.55 4.41 6.50
N CYS A 136 11.85 4.32 5.21
CA CYS A 136 12.75 3.31 4.67
C CYS A 136 13.18 3.71 3.27
N SER A 137 14.14 2.95 2.74
CA SER A 137 14.57 3.18 1.41
C SER A 137 13.59 2.67 0.37
N GLU A 138 13.70 3.24 -0.83
CA GLU A 138 12.90 2.75 -1.95
C GLU A 138 13.25 1.28 -2.24
N GLU A 139 14.50 0.92 -2.04
CA GLU A 139 14.89 -0.47 -2.21
C GLU A 139 14.16 -1.39 -1.30
N ALA A 140 13.96 -1.02 -0.04
CA ALA A 140 13.20 -1.84 0.89
C ALA A 140 11.76 -2.06 0.39
N GLU A 141 11.17 -0.99 -0.15
CA GLU A 141 9.81 -1.06 -0.66
C GLU A 141 9.77 -2.05 -1.84
N ARG A 142 10.72 -1.95 -2.75
CA ARG A 142 10.72 -2.83 -3.93
C ARG A 142 10.94 -4.26 -3.49
N LEU A 143 11.79 -4.46 -2.51
CA LEU A 143 12.04 -5.81 -2.00
C LEU A 143 10.77 -6.46 -1.48
N ILE A 144 9.94 -5.72 -0.78
CA ILE A 144 8.68 -6.29 -0.28
C ILE A 144 7.81 -6.69 -1.45
N PHE A 145 7.62 -5.81 -2.43
CA PHE A 145 6.75 -6.18 -3.59
C PHE A 145 7.23 -7.39 -4.35
N ARG A 146 8.54 -7.57 -4.42
CA ARG A 146 9.11 -8.70 -5.15
C ARG A 146 9.07 -10.00 -4.37
N ASN A 147 8.91 -9.96 -3.03
CA ASN A 147 9.13 -11.11 -2.20
C ASN A 147 7.98 -11.56 -1.36
N ILE A 148 6.81 -11.04 -1.68
CA ILE A 148 5.53 -11.60 -1.25
C ILE A 148 4.71 -11.79 -2.54
N LYS A 149 3.77 -12.73 -2.50
CA LYS A 149 3.08 -13.14 -3.71
C LYS A 149 1.57 -13.13 -3.41
N LEU A 150 0.83 -12.43 -4.26
CA LEU A 150 -0.63 -12.45 -4.18
C LEU A 150 -1.15 -13.89 -4.28
N ARG A 151 -2.26 -14.11 -3.59
CA ARG A 151 -2.99 -15.37 -3.72
C ARG A 151 -3.34 -15.62 -5.20
N SER A 152 -3.29 -16.92 -5.57
CA SER A 152 -3.51 -17.28 -6.99
C SER A 152 -4.82 -16.80 -7.57
N GLU A 153 -5.87 -16.74 -6.77
CA GLU A 153 -7.19 -16.28 -7.23
C GLU A 153 -7.20 -14.82 -7.65
N ILE A 154 -6.35 -14.05 -7.00
CA ILE A 154 -6.19 -12.68 -7.29
C ILE A 154 -5.30 -12.52 -8.52
N ARG A 155 -4.19 -13.27 -8.56
CA ARG A 155 -3.29 -13.23 -9.73
C ARG A 155 -4.04 -13.61 -11.00
N ALA A 156 -4.95 -14.60 -10.93
CA ALA A 156 -5.65 -15.01 -12.14
C ALA A 156 -6.55 -13.92 -12.68
N ARG A 157 -7.15 -13.13 -11.79
CA ARG A 157 -7.95 -12.03 -12.20
C ARG A 157 -7.11 -10.94 -12.88
N ILE A 158 -5.96 -10.61 -12.26
CA ILE A 158 -5.04 -9.65 -12.85
C ILE A 158 -4.59 -10.10 -14.26
N ASP A 159 -4.23 -11.37 -14.37
CA ASP A 159 -3.72 -11.96 -15.61
C ASP A 159 -4.79 -11.85 -16.69
N ALA A 160 -6.03 -12.27 -16.38
CA ALA A 160 -7.10 -12.18 -17.36
C ALA A 160 -7.34 -10.75 -17.83
N LEU A 161 -7.39 -9.82 -16.88
CA LEU A 161 -7.57 -8.40 -17.19
C LEU A 161 -6.43 -7.80 -18.03
N TYR A 162 -5.20 -8.20 -17.74
CA TYR A 162 -4.06 -7.76 -18.51
C TYR A 162 -4.20 -8.21 -19.97
N GLU A 163 -4.49 -9.48 -20.19
CA GLU A 163 -4.67 -10.01 -21.51
C GLU A 163 -5.81 -9.30 -22.25
N GLU A 164 -6.89 -9.03 -21.51
CA GLU A 164 -8.11 -8.50 -22.10
C GLU A 164 -8.00 -7.04 -22.50
N HIS A 165 -7.17 -6.25 -21.83
CA HIS A 165 -7.17 -4.77 -21.97
C HIS A 165 -5.78 -4.15 -22.17
N PHE A 166 -4.78 -4.67 -21.50
CA PHE A 166 -3.43 -4.12 -21.45
C PHE A 166 -2.52 -4.60 -22.60
N SER A 167 -2.56 -5.89 -22.91
CA SER A 167 -1.72 -6.44 -23.94
C SER A 167 -2.01 -5.76 -25.27
N GLY A 168 -0.96 -5.37 -25.96
CA GLY A 168 -1.09 -4.75 -27.26
C GLY A 168 -1.31 -3.27 -27.21
N HIS A 169 -1.40 -2.71 -25.99
CA HIS A 169 -1.80 -1.32 -25.82
C HIS A 169 -0.88 -0.57 -24.87
N SER A 170 -0.96 0.77 -24.93
CA SER A 170 -0.25 1.63 -24.00
C SER A 170 -1.31 2.19 -23.08
N ILE A 171 -1.24 1.85 -21.79
CA ILE A 171 -2.33 2.20 -20.88
C ILE A 171 -1.94 3.39 -20.03
N ILE A 172 -2.85 4.33 -19.98
CA ILE A 172 -2.76 5.45 -19.05
C ILE A 172 -3.63 5.06 -17.85
N GLY A 173 -2.99 4.86 -16.70
CA GLY A 173 -3.75 4.58 -15.48
C GLY A 173 -4.09 5.84 -14.72
N VAL A 174 -5.28 5.87 -14.13
CA VAL A 174 -5.78 7.04 -13.45
C VAL A 174 -6.35 6.61 -12.11
N HIS A 175 -5.81 7.07 -11.00
CA HIS A 175 -6.38 6.81 -9.70
C HIS A 175 -7.02 8.08 -9.20
N VAL A 176 -8.33 8.02 -8.92
CA VAL A 176 -9.03 9.15 -8.36
C VAL A 176 -9.64 8.75 -7.03
N ARG A 177 -9.07 9.25 -5.95
CA ARG A 177 -9.60 8.98 -4.65
C ARG A 177 -10.37 10.21 -4.23
N HIS A 178 -11.61 10.02 -3.81
CA HIS A 178 -12.32 11.04 -3.04
C HIS A 178 -13.44 10.44 -2.22
N TRP A 191 -20.88 20.21 -5.05
CA TRP A 191 -21.04 21.33 -5.99
C TRP A 191 -19.66 21.77 -6.54
N ALA A 192 -19.11 22.89 -6.05
CA ALA A 192 -17.98 23.54 -6.70
C ALA A 192 -16.69 22.73 -6.62
N ASP A 193 -16.51 22.03 -5.50
CA ASP A 193 -15.32 21.24 -5.25
C ASP A 193 -15.28 20.02 -6.18
N SER A 194 -16.41 19.32 -6.30
CA SER A 194 -16.51 18.14 -7.15
C SER A 194 -16.32 18.51 -8.62
N GLU A 195 -16.87 19.63 -9.04
CA GLU A 195 -16.70 20.08 -10.43
C GLU A 195 -15.25 20.41 -10.73
N LEU A 196 -14.63 21.20 -9.88
CA LEU A 196 -13.22 21.50 -10.04
C LEU A 196 -12.39 20.21 -10.03
N ALA A 197 -12.67 19.27 -9.15
CA ALA A 197 -11.86 18.05 -9.13
C ALA A 197 -12.02 17.24 -10.41
N LEU A 198 -13.26 17.11 -10.89
CA LEU A 198 -13.47 16.43 -12.16
C LEU A 198 -12.76 17.16 -13.28
N HIS A 199 -12.86 18.48 -13.33
CA HIS A 199 -12.10 19.24 -14.32
C HIS A 199 -10.61 18.98 -14.27
N GLN A 200 -10.05 18.93 -13.06
CA GLN A 200 -8.61 18.71 -12.89
C GLN A 200 -8.19 17.34 -13.39
N VAL A 201 -8.95 16.31 -13.08
CA VAL A 201 -8.74 15.00 -13.60
C VAL A 201 -8.79 14.96 -15.11
N CYS A 202 -9.75 15.68 -15.68
CA CYS A 202 -9.80 15.75 -17.13
C CYS A 202 -8.57 16.41 -17.71
N MET A 203 -8.11 17.50 -17.11
CA MET A 203 -6.88 18.17 -17.55
C MET A 203 -5.68 17.22 -17.51
N ALA A 204 -5.57 16.43 -16.44
CA ALA A 204 -4.49 15.46 -16.30
C ALA A 204 -4.58 14.41 -17.40
N ILE A 205 -5.79 13.90 -17.68
CA ILE A 205 -5.94 12.90 -18.73
C ILE A 205 -5.58 13.47 -20.10
N ARG A 206 -6.02 14.69 -20.40
CA ARG A 206 -5.65 15.34 -21.66
C ARG A 206 -4.12 15.44 -21.80
N LYS A 207 -3.45 15.83 -20.71
CA LYS A 207 -1.98 15.96 -20.70
C LYS A 207 -1.33 14.63 -20.98
N ALA A 208 -1.80 13.60 -20.31
CA ALA A 208 -1.26 12.26 -20.50
C ALA A 208 -1.49 11.77 -21.92
N LYS A 209 -2.66 12.06 -22.48
CA LYS A 209 -2.99 11.57 -23.83
C LYS A 209 -2.23 12.26 -24.94
N ALA A 210 -1.73 13.46 -24.67
CA ALA A 210 -0.92 14.25 -25.62
C ALA A 210 0.53 13.77 -25.74
N LEU A 211 1.00 12.93 -24.80
CA LEU A 211 2.30 12.29 -24.85
C LEU A 211 2.30 11.23 -25.94
N SER A 212 3.49 10.80 -26.38
CA SER A 212 3.58 9.78 -27.42
C SER A 212 3.76 8.42 -26.78
N TYR A 213 3.07 7.44 -27.34
CA TYR A 213 3.13 6.07 -26.87
C TYR A 213 3.36 5.13 -28.04
N PRO A 214 4.01 3.98 -27.77
CA PRO A 214 4.33 3.04 -28.86
C PRO A 214 3.16 2.19 -29.36
N LYS A 215 2.11 2.04 -28.55
CA LYS A 215 0.95 1.23 -28.90
C LYS A 215 -0.33 2.04 -28.70
N PRO A 216 -1.46 1.58 -29.27
CA PRO A 216 -2.70 2.32 -29.12
C PRO A 216 -3.08 2.48 -27.68
N VAL A 217 -3.59 3.66 -27.35
CA VAL A 217 -3.80 4.10 -25.98
C VAL A 217 -5.19 3.70 -25.50
N LYS A 218 -5.25 3.29 -24.23
CA LYS A 218 -6.52 3.19 -23.51
C LYS A 218 -6.30 3.79 -22.12
N VAL A 219 -7.40 4.12 -21.43
CA VAL A 219 -7.38 4.77 -20.13
C VAL A 219 -8.00 3.79 -19.10
N PHE A 220 -7.20 3.42 -18.09
CA PHE A 220 -7.61 2.52 -17.01
C PHE A 220 -7.95 3.38 -15.79
N LEU A 221 -9.20 3.36 -15.41
CA LEU A 221 -9.64 4.19 -14.33
C LEU A 221 -9.87 3.37 -13.06
N CYS A 222 -9.32 3.84 -11.95
CA CYS A 222 -9.44 3.24 -10.63
C CYS A 222 -10.04 4.30 -9.74
N THR A 223 -11.32 4.19 -9.44
CA THR A 223 -11.98 5.15 -8.54
C THR A 223 -13.01 4.45 -7.70
N ASP A 224 -13.25 4.98 -6.51
CA ASP A 224 -14.27 4.50 -5.61
C ASP A 224 -15.66 5.12 -5.92
N SER A 225 -15.72 6.07 -6.86
CA SER A 225 -16.96 6.76 -7.18
C SER A 225 -17.58 6.37 -8.52
N ALA A 226 -18.84 5.90 -8.48
CA ALA A 226 -19.56 5.44 -9.69
C ALA A 226 -19.79 6.61 -10.62
N GLN A 227 -19.96 7.79 -10.02
CA GLN A 227 -20.24 9.01 -10.71
C GLN A 227 -19.00 9.46 -11.48
N VAL A 228 -17.84 9.42 -10.83
CA VAL A 228 -16.57 9.70 -11.55
C VAL A 228 -16.35 8.73 -12.69
N LEU A 229 -16.55 7.45 -12.46
CA LEU A 229 -16.41 6.46 -13.52
C LEU A 229 -17.30 6.82 -14.73
N ASP A 230 -18.57 7.06 -14.46
CA ASP A 230 -19.55 7.42 -15.52
C ASP A 230 -19.11 8.68 -16.25
N GLN A 231 -18.69 9.69 -15.51
CA GLN A 231 -18.31 10.95 -16.15
C GLN A 231 -17.05 10.83 -16.97
N VAL A 232 -15.99 10.31 -16.38
CA VAL A 232 -14.74 10.15 -17.11
C VAL A 232 -14.94 9.25 -18.33
N SER A 233 -15.73 8.19 -18.19
CA SER A 233 -15.99 7.29 -19.30
C SER A 233 -16.71 8.00 -20.42
N GLY A 234 -17.58 8.99 -20.11
CA GLY A 234 -18.35 9.70 -21.11
C GLY A 234 -17.59 10.87 -21.73
N LEU A 235 -16.40 11.17 -21.16
CA LEU A 235 -15.59 12.31 -21.60
C LEU A 235 -14.36 11.92 -22.45
N PHE A 236 -13.99 10.65 -22.45
CA PHE A 236 -12.79 10.16 -23.18
C PHE A 236 -13.12 8.86 -23.80
N PRO A 237 -12.48 8.55 -24.93
CA PRO A 237 -12.65 7.23 -25.48
C PRO A 237 -11.78 6.20 -24.78
N ASP A 238 -12.22 4.96 -24.89
CA ASP A 238 -11.40 3.82 -24.48
C ASP A 238 -11.08 3.80 -22.99
N VAL A 239 -12.04 4.25 -22.17
CA VAL A 239 -11.92 4.14 -20.72
C VAL A 239 -12.50 2.82 -20.25
N PHE A 240 -11.75 2.15 -19.40
CA PHE A 240 -12.23 0.92 -18.76
C PHE A 240 -11.81 0.87 -17.30
N ALA A 241 -12.51 0.02 -16.56
CA ALA A 241 -12.28 -0.22 -15.14
C ALA A 241 -12.58 -1.64 -14.83
N VAL A 242 -12.06 -2.13 -13.72
CA VAL A 242 -12.35 -3.49 -13.31
C VAL A 242 -13.78 -3.49 -12.75
N PRO A 243 -14.64 -4.38 -13.24
CA PRO A 243 -16.00 -4.47 -12.78
C PRO A 243 -16.07 -4.89 -11.31
N LYS A 244 -17.11 -4.43 -10.62
CA LYS A 244 -17.25 -4.57 -9.16
C LYS A 244 -18.63 -4.13 -8.72
N SER A 256 -21.22 -10.35 4.31
CA SER A 256 -20.52 -9.07 4.47
C SER A 256 -19.02 -9.31 4.62
N ALA A 257 -18.66 -10.36 5.36
CA ALA A 257 -17.26 -10.81 5.42
C ALA A 257 -16.72 -11.06 3.99
N GLU A 258 -17.48 -11.79 3.19
CA GLU A 258 -17.11 -12.08 1.81
C GLU A 258 -16.92 -10.78 1.01
N MET A 259 -17.77 -9.79 1.26
CA MET A 259 -17.67 -8.52 0.54
C MET A 259 -16.49 -7.64 1.05
N GLY A 260 -16.01 -7.85 2.28
CA GLY A 260 -14.77 -7.17 2.72
C GLY A 260 -13.54 -7.73 2.00
N ILE A 261 -13.51 -9.05 1.90
CA ILE A 261 -12.45 -9.72 1.18
C ILE A 261 -12.49 -9.34 -0.28
N GLU A 262 -13.69 -9.28 -0.85
CA GLU A 262 -13.79 -8.86 -2.23
C GLU A 262 -13.34 -7.39 -2.42
N GLY A 263 -13.60 -6.52 -1.44
CA GLY A 263 -13.10 -5.17 -1.48
C GLY A 263 -11.57 -5.14 -1.49
N GLY A 264 -10.98 -5.99 -0.67
CA GLY A 264 -9.52 -6.09 -0.59
C GLY A 264 -8.93 -6.58 -1.87
N ALA A 265 -9.53 -7.65 -2.42
CA ALA A 265 -9.03 -8.17 -3.67
C ALA A 265 -9.14 -7.17 -4.78
N SER A 266 -10.25 -6.43 -4.84
CA SER A 266 -10.44 -5.38 -5.82
C SER A 266 -9.39 -4.26 -5.74
N ALA A 267 -9.08 -3.89 -4.51
CA ALA A 267 -8.04 -2.89 -4.27
C ALA A 267 -6.70 -3.37 -4.83
N LEU A 268 -6.35 -4.61 -4.50
CA LEU A 268 -5.05 -5.14 -4.93
C LEU A 268 -4.98 -5.29 -6.44
N ILE A 269 -6.06 -5.77 -7.05
CA ILE A 269 -6.09 -5.88 -8.49
C ILE A 269 -5.78 -4.51 -9.15
N ASP A 270 -6.47 -3.48 -8.68
CA ASP A 270 -6.24 -2.13 -9.22
C ASP A 270 -4.80 -1.65 -8.97
N MET A 271 -4.28 -1.87 -7.75
CA MET A 271 -2.94 -1.38 -7.37
C MET A 271 -1.87 -2.01 -8.27
N TYR A 272 -1.99 -3.34 -8.48
CA TYR A 272 -1.03 -4.06 -9.28
C TYR A 272 -1.17 -3.75 -10.77
N LEU A 273 -2.39 -3.61 -11.29
CA LEU A 273 -2.55 -3.26 -12.68
C LEU A 273 -2.08 -1.83 -12.97
N LEU A 274 -2.28 -0.91 -12.05
CA LEU A 274 -1.74 0.44 -12.22
C LEU A 274 -0.22 0.39 -12.45
N ALA A 275 0.47 -0.52 -11.79
CA ALA A 275 1.93 -0.63 -11.94
C ALA A 275 2.40 -1.18 -13.28
N ARG A 276 1.45 -1.61 -14.10
CA ARG A 276 1.66 -2.11 -15.45
C ARG A 276 1.42 -1.07 -16.55
N CYS A 277 0.97 0.10 -16.14
CA CYS A 277 0.65 1.18 -17.09
C CYS A 277 1.90 1.90 -17.59
N ALA A 278 1.71 2.62 -18.70
CA ALA A 278 2.77 3.39 -19.30
C ALA A 278 2.92 4.72 -18.61
N THR A 279 1.78 5.29 -18.23
CA THR A 279 1.73 6.55 -17.55
C THR A 279 0.68 6.37 -16.46
N VAL A 280 0.96 6.92 -15.28
CA VAL A 280 -0.04 6.92 -14.19
C VAL A 280 -0.26 8.32 -13.68
N ILE A 281 -1.55 8.65 -13.55
CA ILE A 281 -2.04 9.90 -12.99
C ILE A 281 -2.44 9.61 -11.53
N ARG A 282 -1.82 10.33 -10.61
CA ARG A 282 -2.03 10.15 -9.16
C ARG A 282 -2.86 11.30 -8.61
N PHE A 283 -4.14 11.03 -8.34
CA PHE A 283 -5.04 12.05 -7.85
C PHE A 283 -5.64 11.57 -6.51
N PRO A 284 -4.95 11.86 -5.35
CA PRO A 284 -3.74 12.71 -5.16
C PRO A 284 -2.46 11.88 -5.17
N PRO A 285 -1.29 12.59 -5.35
CA PRO A 285 0.01 11.88 -5.26
C PRO A 285 0.44 11.54 -3.83
N THR A 286 -0.29 12.00 -2.83
CA THR A 286 -0.11 11.59 -1.43
C THR A 286 -0.72 10.21 -1.08
N SER A 287 -1.46 9.60 -1.98
CA SER A 287 -2.03 8.32 -1.72
C SER A 287 -0.99 7.25 -1.90
N ALA A 288 -0.85 6.39 -0.91
CA ALA A 288 0.04 5.23 -1.06
C ALA A 288 -0.56 4.18 -2.00
N PHE A 289 -1.84 4.29 -2.39
CA PHE A 289 -2.45 3.36 -3.39
C PHE A 289 -1.61 3.25 -4.66
N THR A 290 -1.09 4.37 -5.12
CA THR A 290 -0.28 4.43 -6.32
C THR A 290 1.19 4.46 -6.07
N ARG A 291 1.65 4.14 -4.86
CA ARG A 291 3.12 4.10 -4.60
C ARG A 291 3.76 2.99 -5.44
N TYR A 292 3.17 1.80 -5.49
CA TYR A 292 3.76 0.69 -6.29
C TYR A 292 3.88 1.17 -7.75
N ALA A 293 2.84 1.74 -8.28
CA ALA A 293 2.92 2.32 -9.66
C ALA A 293 4.02 3.39 -9.79
N ARG A 294 4.14 4.31 -8.84
CA ARG A 294 5.19 5.30 -8.82
C ARG A 294 6.58 4.66 -8.92
N LEU A 295 6.79 3.56 -8.19
CA LEU A 295 8.08 2.83 -8.26
C LEU A 295 8.39 2.23 -9.63
N LEU A 296 7.37 1.79 -10.34
CA LEU A 296 7.58 1.01 -11.58
C LEU A 296 7.28 1.68 -12.93
N VAL A 297 6.32 2.58 -12.97
CA VAL A 297 5.81 3.08 -14.24
C VAL A 297 6.70 4.13 -14.83
N PRO A 298 6.87 4.12 -16.16
CA PRO A 298 7.76 5.10 -16.80
C PRO A 298 7.50 6.59 -16.53
N ARG A 299 6.23 6.97 -16.52
CA ARG A 299 5.88 8.39 -16.36
C ARG A 299 4.71 8.55 -15.38
N ILE A 300 4.81 9.58 -14.55
CA ILE A 300 3.84 9.87 -13.52
C ILE A 300 3.36 11.31 -13.73
N ILE A 301 2.05 11.53 -13.70
CA ILE A 301 1.48 12.87 -13.80
C ILE A 301 0.72 13.16 -12.50
N GLU A 302 0.91 14.36 -11.97
CA GLU A 302 0.20 14.76 -10.78
C GLU A 302 0.15 16.26 -10.67
N PHE A 303 -0.79 16.77 -9.88
CA PHE A 303 -0.79 18.18 -9.50
C PHE A 303 0.25 18.35 -8.40
N ASP A 304 1.16 19.30 -8.61
CA ASP A 304 2.21 19.62 -7.64
C ASP A 304 2.30 21.13 -7.57
N ASN A 307 2.64 26.08 -8.63
CA ASN A 307 2.70 24.87 -7.81
C ASN A 307 1.30 24.22 -7.80
N PRO A 308 0.33 24.78 -7.03
CA PRO A 308 -0.96 24.12 -7.08
C PRO A 308 -1.82 24.61 -8.25
N GLY A 309 -2.68 23.77 -8.76
CA GLY A 309 -3.39 24.07 -10.01
C GLY A 309 -2.61 23.69 -11.26
N HIS A 310 -1.30 23.40 -11.08
CA HIS A 310 -0.39 23.12 -12.18
C HIS A 310 -0.01 21.65 -12.14
N LEU A 311 -0.03 21.04 -13.31
CA LEU A 311 0.32 19.62 -13.48
C LEU A 311 1.81 19.50 -13.68
N THR A 312 2.40 18.46 -13.13
CA THR A 312 3.78 18.14 -13.43
C THR A 312 3.89 16.70 -13.89
N MET A 313 4.97 16.41 -14.60
CA MET A 313 5.25 15.07 -15.06
C MET A 313 6.63 14.69 -14.60
N ILE A 314 6.73 13.44 -14.13
CA ILE A 314 7.95 12.91 -13.60
C ILE A 314 8.32 11.67 -14.41
N ASP A 315 9.53 11.69 -14.97
CA ASP A 315 10.10 10.55 -15.67
C ASP A 315 10.77 9.71 -14.62
N ASN A 316 10.53 8.40 -14.66
CA ASN A 316 11.02 7.48 -13.67
C ASN A 316 12.42 7.05 -13.97
N PRO A 317 13.47 7.24 -13.13
CA PRO A 317 13.46 7.77 -11.74
C PRO A 317 13.04 9.23 -11.64
P PO4 B . 5.59 6.63 24.76
O1 PO4 B . 5.17 7.99 24.19
O2 PO4 B . 5.76 5.50 23.67
O3 PO4 B . 6.89 6.86 25.50
O4 PO4 B . 4.56 6.26 25.80
P PO4 C . 9.05 -17.08 21.37
O1 PO4 C . 8.06 -15.92 21.23
O2 PO4 C . 10.44 -16.67 20.92
O3 PO4 C . 9.02 -17.55 22.81
O4 PO4 C . 8.50 -18.22 20.54
P PO4 D . -2.69 -20.17 -3.56
O1 PO4 D . -4.16 -20.26 -3.78
O2 PO4 D . -2.06 -21.16 -4.51
O3 PO4 D . -2.14 -18.74 -3.82
O4 PO4 D . -2.42 -20.53 -2.12
C TRS E . 11.68 -18.02 27.74
C1 TRS E . 12.74 -16.96 27.98
C2 TRS E . 10.74 -18.17 28.90
C3 TRS E . 12.29 -19.41 27.56
N TRS E . 10.89 -17.67 26.56
O1 TRS E . 12.16 -15.84 28.64
O2 TRS E . 11.58 -18.34 29.98
O3 TRS E . 11.42 -20.34 28.10
#